data_5AOA
#
_entry.id   5AOA
#
_cell.length_a   61.957
_cell.length_b   70.909
_cell.length_c   75.861
_cell.angle_alpha   90.00
_cell.angle_beta   90.00
_cell.angle_gamma   90.00
#
_symmetry.space_group_name_H-M   'P 21 21 21'
#
loop_
_entity.id
_entity.type
_entity.pdbx_description
1 polymer ESTERASE
2 non-polymer 'TETRAETHYLENE GLYCOL'
3 non-polymer 'PROPANOIC ACID'
4 non-polymer DI(HYDROXYETHYL)ETHER
5 non-polymer 1,2-ETHANEDIOL
6 non-polymer 'CHLORIDE ION'
7 water water
#
_entity_poly.entity_id   1
_entity_poly.type   'polypeptide(L)'
_entity_poly.pdbx_seq_one_letter_code
;AEVGRLRYPPEMPGAEVKVYKKVDNVDLKLYIYKPADWKPADRRSAIVFFFGGGWQSGSPAQFRPQCEYFAGRGMVAMAA
DYRVGSRHNVKVADCVADAKSAIRWVRQHAAELGVDPQKIVASGGSAGGHLAACTVMVPDLEAPEEDHTISSQANAAILF
NPVLILSREGLKDHVPRQDWEERLRERLGTEPKAVSPYHHIRAGLPPMIIFHGTADNTVPFETIRLFAEAMKKAGNRCEL
VPFEGAAHGFFNFGRGDNLAYQKTLELADEFLVEIGFLAPKGESQP
;
_entity_poly.pdbx_strand_id   A
#
loop_
_chem_comp.id
_chem_comp.type
_chem_comp.name
_chem_comp.formula
CL non-polymer 'CHLORIDE ION' 'Cl -1'
EDO non-polymer 1,2-ETHANEDIOL 'C2 H6 O2'
PEG non-polymer DI(HYDROXYETHYL)ETHER 'C4 H10 O3'
PG4 non-polymer 'TETRAETHYLENE GLYCOL' 'C8 H18 O5'
PPI non-polymer 'PROPANOIC ACID' 'C3 H6 O2'
#
# COMPACT_ATOMS: atom_id res chain seq x y z
N LEU A 6 9.34 15.02 7.70
CA LEU A 6 9.33 13.52 7.69
C LEU A 6 10.66 12.98 8.24
N ARG A 7 10.71 12.77 9.55
CA ARG A 7 11.91 12.25 10.17
C ARG A 7 12.03 10.77 9.90
N TYR A 8 13.25 10.31 9.64
CA TYR A 8 13.57 8.90 9.61
C TYR A 8 14.76 8.58 10.52
N PRO A 9 14.65 7.66 11.49
CA PRO A 9 13.41 6.95 11.83
C PRO A 9 12.41 7.84 12.54
N PRO A 10 11.11 7.58 12.33
CA PRO A 10 10.06 8.43 12.93
C PRO A 10 9.86 8.10 14.41
N GLU A 11 9.30 9.04 15.18
CA GLU A 11 8.97 8.77 16.61
CA GLU A 11 8.99 8.74 16.60
C GLU A 11 7.76 7.85 16.71
N MET A 12 6.71 8.22 15.94
CA MET A 12 5.46 7.48 15.90
C MET A 12 4.93 7.35 17.33
N PRO A 13 4.58 8.48 17.97
CA PRO A 13 4.12 8.38 19.35
C PRO A 13 2.84 7.56 19.48
N GLY A 14 2.78 6.73 20.52
CA GLY A 14 1.67 5.81 20.73
C GLY A 14 1.72 4.50 19.95
N ALA A 15 2.70 4.33 19.05
CA ALA A 15 2.80 3.08 18.27
C ALA A 15 3.56 2.02 19.04
N GLU A 16 3.10 0.78 18.93
CA GLU A 16 3.91 -0.38 19.32
C GLU A 16 4.76 -0.72 18.13
N VAL A 17 6.01 -1.13 18.38
CA VAL A 17 6.93 -1.44 17.30
C VAL A 17 7.20 -2.94 17.24
N LYS A 18 7.09 -3.50 16.03
CA LYS A 18 7.42 -4.89 15.77
C LYS A 18 8.36 -4.94 14.58
N VAL A 19 9.37 -5.79 14.66
CA VAL A 19 10.25 -6.03 13.52
C VAL A 19 9.60 -7.13 12.70
N TYR A 20 9.23 -6.80 11.46
CA TYR A 20 8.56 -7.77 10.60
C TYR A 20 9.56 -8.47 9.70
N LYS A 21 10.75 -7.90 9.55
CA LYS A 21 11.74 -8.48 8.66
C LYS A 21 13.14 -8.02 9.04
N LYS A 22 14.07 -8.96 9.01
CA LYS A 22 15.50 -8.68 9.20
C LYS A 22 16.18 -9.06 7.90
N VAL A 23 16.85 -8.09 7.27
CA VAL A 23 17.40 -8.25 5.93
C VAL A 23 18.54 -7.23 5.70
N ASP A 24 19.62 -7.64 5.03
CA ASP A 24 20.80 -6.76 4.82
C ASP A 24 21.26 -6.08 6.10
N ASN A 25 21.20 -6.82 7.21
CA ASN A 25 21.51 -6.29 8.54
C ASN A 25 20.63 -5.12 9.06
N VAL A 26 19.45 -4.89 8.48
CA VAL A 26 18.52 -3.89 9.02
C VAL A 26 17.24 -4.57 9.51
N ASP A 27 16.68 -4.03 10.59
CA ASP A 27 15.42 -4.49 11.14
C ASP A 27 14.33 -3.60 10.53
N LEU A 28 13.44 -4.18 9.74
CA LEU A 28 12.33 -3.40 9.20
C LEU A 28 11.14 -3.48 10.15
N LYS A 29 10.62 -2.31 10.53
CA LYS A 29 9.59 -2.22 11.56
C LYS A 29 8.21 -1.89 11.03
N LEU A 30 7.21 -2.40 11.75
CA LEU A 30 5.82 -1.94 11.71
C LEU A 30 5.54 -1.09 12.92
N TYR A 31 4.89 0.05 12.71
CA TYR A 31 4.46 0.94 13.78
C TYR A 31 2.96 0.75 13.94
N ILE A 32 2.56 0.08 15.02
CA ILE A 32 1.22 -0.49 15.12
C ILE A 32 0.34 0.33 16.05
N TYR A 33 -0.83 0.73 15.55
CA TYR A 33 -1.82 1.46 16.33
C TYR A 33 -3.07 0.61 16.57
N LYS A 34 -3.38 0.38 17.84
CA LYS A 34 -4.54 -0.41 18.22
C LYS A 34 -5.68 0.47 18.72
N PRO A 35 -6.93 0.03 18.50
CA PRO A 35 -8.11 0.69 19.10
C PRO A 35 -8.04 0.67 20.62
N ALA A 36 -8.65 1.65 21.26
CA ALA A 36 -8.64 1.76 22.73
C ALA A 36 -9.26 0.53 23.43
N ASP A 37 -10.22 -0.13 22.78
CA ASP A 37 -10.88 -1.34 23.31
C ASP A 37 -10.27 -2.65 22.77
N TRP A 38 -9.05 -2.59 22.23
CA TRP A 38 -8.40 -3.78 21.71
C TRP A 38 -8.19 -4.81 22.82
N LYS A 39 -8.50 -6.06 22.50
CA LYS A 39 -8.23 -7.18 23.38
C LYS A 39 -7.63 -8.32 22.58
N PRO A 40 -6.79 -9.12 23.26
N PRO A 40 -6.77 -9.16 23.20
CA PRO A 40 -6.43 -10.37 22.64
CA PRO A 40 -6.00 -10.18 22.43
C PRO A 40 -7.66 -11.20 22.33
C PRO A 40 -6.74 -11.06 21.39
N ALA A 41 -7.59 -11.88 21.19
N ALA A 41 -7.93 -11.57 21.73
CA ALA A 41 -8.65 -12.70 20.60
CA ALA A 41 -8.62 -12.52 20.86
C ALA A 41 -9.66 -11.89 19.78
C ALA A 41 -9.57 -11.89 19.84
N ASP A 42 -9.49 -10.58 19.68
CA ASP A 42 -10.21 -9.82 18.66
C ASP A 42 -9.86 -10.30 17.27
N ARG A 43 -10.76 -10.06 16.32
CA ARG A 43 -10.58 -10.38 14.91
CA ARG A 43 -10.54 -10.36 14.90
C ARG A 43 -10.93 -9.15 14.05
N ARG A 44 -10.12 -8.11 14.17
CA ARG A 44 -10.36 -6.84 13.51
C ARG A 44 -9.78 -6.80 12.12
N SER A 45 -10.27 -5.87 11.31
CA SER A 45 -9.62 -5.60 10.04
C SER A 45 -8.33 -4.83 10.35
N ALA A 46 -7.36 -4.97 9.45
CA ALA A 46 -6.08 -4.31 9.59
C ALA A 46 -5.77 -3.52 8.33
N ILE A 47 -4.94 -2.49 8.48
CA ILE A 47 -4.46 -1.73 7.33
C ILE A 47 -2.98 -1.47 7.53
N VAL A 48 -2.20 -1.72 6.48
CA VAL A 48 -0.76 -1.52 6.48
C VAL A 48 -0.48 -0.44 5.45
N PHE A 49 0.09 0.69 5.89
CA PHE A 49 0.44 1.81 5.00
C PHE A 49 1.93 1.81 4.62
N PHE A 50 2.17 2.02 3.33
CA PHE A 50 3.50 2.19 2.75
C PHE A 50 3.72 3.62 2.29
N PHE A 51 4.70 4.27 2.89
CA PHE A 51 5.06 5.63 2.57
C PHE A 51 5.53 5.80 1.11
N GLY A 52 5.46 7.04 0.63
CA GLY A 52 5.92 7.40 -0.71
C GLY A 52 7.30 8.00 -0.64
N GLY A 53 7.86 8.28 -1.81
CA GLY A 53 9.24 8.78 -1.89
C GLY A 53 10.09 8.21 -3.02
N GLY A 54 9.45 7.78 -4.11
CA GLY A 54 10.18 7.36 -5.30
C GLY A 54 10.99 6.10 -5.14
N TRP A 55 10.67 5.27 -4.12
CA TRP A 55 11.48 4.10 -3.75
C TRP A 55 12.91 4.48 -3.33
N GLN A 56 13.09 5.76 -3.03
CA GLN A 56 14.40 6.35 -2.71
C GLN A 56 14.51 6.88 -1.30
N SER A 57 13.44 7.50 -0.83
CA SER A 57 13.38 8.13 0.49
C SER A 57 11.96 8.05 1.05
N GLY A 58 11.71 8.72 2.17
CA GLY A 58 10.38 8.78 2.77
C GLY A 58 10.42 8.26 4.19
N SER A 59 9.27 8.31 4.84
CA SER A 59 9.17 7.90 6.24
C SER A 59 7.77 7.39 6.55
N PRO A 60 7.68 6.34 7.39
CA PRO A 60 6.38 5.88 7.91
C PRO A 60 5.58 6.96 8.61
N ALA A 61 6.23 8.04 9.07
CA ALA A 61 5.56 9.20 9.64
C ALA A 61 4.48 9.80 8.73
N GLN A 62 4.68 9.67 7.43
CA GLN A 62 3.72 10.17 6.46
C GLN A 62 2.28 9.72 6.74
N PHE A 63 2.12 8.45 7.13
CA PHE A 63 0.80 7.89 7.36
C PHE A 63 0.39 7.76 8.80
N ARG A 64 1.12 8.41 9.73
CA ARG A 64 0.72 8.42 11.15
CA ARG A 64 0.70 8.41 11.14
C ARG A 64 -0.73 8.93 11.35
N PRO A 65 -1.08 10.08 10.75
CA PRO A 65 -2.46 10.58 10.96
C PRO A 65 -3.55 9.59 10.50
N GLN A 66 -3.35 8.99 9.33
CA GLN A 66 -4.28 7.96 8.82
C GLN A 66 -4.33 6.73 9.75
N CYS A 67 -3.20 6.32 10.30
CA CYS A 67 -3.20 5.17 11.24
C CYS A 67 -4.02 5.49 12.49
N GLU A 68 -3.85 6.70 13.00
CA GLU A 68 -4.61 7.12 14.17
C GLU A 68 -6.10 7.16 13.87
N TYR A 69 -6.47 7.67 12.70
CA TYR A 69 -7.87 7.65 12.29
C TYR A 69 -8.47 6.25 12.28
N PHE A 70 -7.82 5.31 11.59
CA PHE A 70 -8.36 3.97 11.42
C PHE A 70 -8.33 3.15 12.69
N ALA A 71 -7.35 3.40 13.57
CA ALA A 71 -7.37 2.79 14.89
C ALA A 71 -8.58 3.29 15.68
N GLY A 72 -8.86 4.59 15.59
CA GLY A 72 -10.07 5.18 16.15
C GLY A 72 -11.36 4.56 15.65
N ARG A 73 -11.35 4.04 14.42
CA ARG A 73 -12.48 3.34 13.86
C ARG A 73 -12.52 1.82 14.14
N GLY A 74 -11.58 1.30 14.93
CA GLY A 74 -11.62 -0.11 15.32
C GLY A 74 -10.69 -1.05 14.54
N MET A 75 -9.86 -0.51 13.66
CA MET A 75 -8.88 -1.32 12.91
C MET A 75 -7.58 -1.38 13.67
N VAL A 76 -6.79 -2.43 13.44
CA VAL A 76 -5.40 -2.43 13.80
C VAL A 76 -4.65 -1.79 12.61
N ALA A 77 -4.15 -0.58 12.80
CA ALA A 77 -3.62 0.24 11.72
C ALA A 77 -2.13 0.41 11.91
N MET A 78 -1.38 0.20 10.83
CA MET A 78 0.08 0.28 10.96
CA MET A 78 0.09 0.10 10.90
C MET A 78 0.76 0.88 9.76
N ALA A 79 1.92 1.44 10.03
CA ALA A 79 2.76 2.01 9.00
C ALA A 79 4.01 1.17 8.97
N ALA A 80 4.35 0.69 7.77
CA ALA A 80 5.51 -0.18 7.55
C ALA A 80 6.71 0.59 7.02
N ASP A 81 7.87 0.32 7.59
CA ASP A 81 9.11 0.72 6.97
C ASP A 81 9.46 -0.29 5.89
N TYR A 82 10.21 0.14 4.89
CA TYR A 82 10.71 -0.75 3.86
C TYR A 82 12.00 -0.19 3.32
N ARG A 83 12.82 -1.03 2.71
CA ARG A 83 14.11 -0.53 2.19
C ARG A 83 13.93 0.40 1.00
N VAL A 84 14.79 1.42 0.93
CA VAL A 84 14.75 2.43 -0.10
C VAL A 84 16.16 2.68 -0.61
N GLY A 85 16.26 3.26 -1.80
CA GLY A 85 17.53 3.46 -2.48
C GLY A 85 18.56 4.28 -1.70
N SER A 86 18.11 5.38 -1.10
CA SER A 86 19.03 6.32 -0.43
C SER A 86 19.67 5.73 0.81
N ARG A 87 18.94 4.87 1.51
CA ARG A 87 19.40 4.30 2.77
C ARG A 87 19.99 2.91 2.67
N HIS A 88 19.52 2.14 1.70
CA HIS A 88 19.79 0.70 1.63
C HIS A 88 20.35 0.23 0.27
N ASN A 89 20.40 1.11 -0.72
CA ASN A 89 20.93 0.79 -2.04
C ASN A 89 20.15 -0.33 -2.73
N VAL A 90 18.84 -0.34 -2.53
CA VAL A 90 17.99 -1.36 -3.12
C VAL A 90 17.34 -0.82 -4.39
N LYS A 91 16.71 -1.72 -5.13
CA LYS A 91 15.92 -1.35 -6.30
CA LYS A 91 15.93 -1.39 -6.31
C LYS A 91 14.44 -1.64 -6.02
N VAL A 92 13.58 -1.23 -6.92
CA VAL A 92 12.14 -1.33 -6.72
C VAL A 92 11.70 -2.76 -6.34
N ALA A 93 12.28 -3.79 -6.98
CA ALA A 93 11.88 -5.16 -6.70
C ALA A 93 12.14 -5.56 -5.23
N ASP A 94 13.17 -4.99 -4.62
CA ASP A 94 13.42 -5.24 -3.19
C ASP A 94 12.31 -4.60 -2.33
N CYS A 95 11.96 -3.38 -2.66
CA CYS A 95 10.83 -2.69 -1.98
C CYS A 95 9.57 -3.56 -2.05
N VAL A 96 9.30 -4.13 -3.22
CA VAL A 96 8.13 -4.98 -3.40
C VAL A 96 8.21 -6.21 -2.50
N ALA A 97 9.39 -6.84 -2.43
CA ALA A 97 9.59 -7.97 -1.51
C ALA A 97 9.32 -7.58 -0.05
N ASP A 98 9.77 -6.40 0.34
CA ASP A 98 9.55 -5.94 1.73
C ASP A 98 8.05 -5.73 2.03
N ALA A 99 7.35 -5.09 1.10
CA ALA A 99 5.89 -4.88 1.24
C ALA A 99 5.13 -6.21 1.38
N LYS A 100 5.48 -7.17 0.53
CA LYS A 100 4.91 -8.51 0.59
C LYS A 100 5.24 -9.20 1.92
N SER A 101 6.47 -9.03 2.38
CA SER A 101 6.88 -9.57 3.70
C SER A 101 6.07 -8.96 4.84
N ALA A 102 5.73 -7.68 4.73
CA ALA A 102 4.90 -7.02 5.74
C ALA A 102 3.51 -7.64 5.83
N ILE A 103 2.86 -7.82 4.69
CA ILE A 103 1.52 -8.42 4.65
C ILE A 103 1.58 -9.86 5.16
N ARG A 104 2.59 -10.61 4.70
CA ARG A 104 2.84 -12.00 5.17
CA ARG A 104 2.75 -11.98 5.15
C ARG A 104 2.92 -12.07 6.67
N TRP A 105 3.73 -11.16 7.24
CA TRP A 105 3.97 -11.09 8.66
C TRP A 105 2.70 -10.78 9.43
N VAL A 106 1.94 -9.78 8.97
CA VAL A 106 0.68 -9.48 9.63
C VAL A 106 -0.27 -10.70 9.60
N ARG A 107 -0.35 -11.37 8.46
CA ARG A 107 -1.18 -12.55 8.35
C ARG A 107 -0.70 -13.67 9.30
N GLN A 108 0.62 -13.87 9.30
CA GLN A 108 1.24 -14.90 10.14
CA GLN A 108 1.28 -14.88 10.16
C GLN A 108 0.96 -14.63 11.61
N HIS A 109 1.02 -13.37 12.01
CA HIS A 109 0.84 -12.95 13.39
C HIS A 109 -0.55 -12.39 13.69
N ALA A 110 -1.53 -12.72 12.85
CA ALA A 110 -2.86 -12.14 12.96
C ALA A 110 -3.49 -12.36 14.34
N ALA A 111 -3.28 -13.55 14.90
CA ALA A 111 -3.92 -13.90 16.16
C ALA A 111 -3.45 -12.99 17.29
N GLU A 112 -2.13 -12.87 17.43
CA GLU A 112 -1.62 -12.02 18.49
CA GLU A 112 -1.49 -11.99 18.43
C GLU A 112 -1.89 -10.53 18.24
N LEU A 113 -2.07 -10.14 16.98
CA LEU A 113 -2.44 -8.76 16.64
C LEU A 113 -3.92 -8.44 16.86
N GLY A 114 -4.74 -9.46 17.13
CA GLY A 114 -6.19 -9.29 17.23
C GLY A 114 -6.81 -9.00 15.87
N VAL A 115 -6.30 -9.67 14.83
CA VAL A 115 -6.63 -9.37 13.44
C VAL A 115 -7.27 -10.55 12.74
N ASP A 116 -8.28 -10.24 11.92
CA ASP A 116 -8.83 -11.21 10.95
C ASP A 116 -7.86 -11.33 9.77
N PRO A 117 -7.22 -12.50 9.58
CA PRO A 117 -6.23 -12.62 8.50
C PRO A 117 -6.79 -12.51 7.07
N GLN A 118 -8.11 -12.49 6.90
CA GLN A 118 -8.72 -12.24 5.60
C GLN A 118 -9.28 -10.83 5.46
N LYS A 119 -8.93 -9.92 6.38
CA LYS A 119 -9.32 -8.52 6.28
C LYS A 119 -8.13 -7.57 6.43
N ILE A 120 -7.06 -7.88 5.72
CA ILE A 120 -5.84 -7.07 5.74
C ILE A 120 -5.79 -6.17 4.49
N VAL A 121 -5.80 -4.86 4.73
CA VAL A 121 -5.80 -3.87 3.67
C VAL A 121 -4.37 -3.37 3.47
N ALA A 122 -3.94 -3.30 2.21
CA ALA A 122 -2.67 -2.64 1.87
C ALA A 122 -2.98 -1.25 1.35
N SER A 123 -2.19 -0.28 1.79
CA SER A 123 -2.39 1.10 1.38
C SER A 123 -1.07 1.83 1.25
N GLY A 124 -1.07 2.91 0.48
CA GLY A 124 0.11 3.74 0.42
C GLY A 124 -0.01 4.88 -0.57
N GLY A 125 1.00 5.74 -0.55
CA GLY A 125 1.07 6.90 -1.41
C GLY A 125 2.17 6.80 -2.44
N SER A 126 1.81 7.06 -3.70
CA SER A 126 2.77 7.11 -4.81
C SER A 126 3.60 5.83 -4.91
N ALA A 127 4.92 5.87 -4.70
CA ALA A 127 5.69 4.65 -4.72
C ALA A 127 5.13 3.62 -3.72
N GLY A 128 4.67 4.08 -2.55
CA GLY A 128 4.05 3.20 -1.59
C GLY A 128 2.71 2.64 -2.02
N GLY A 129 1.98 3.40 -2.83
CA GLY A 129 0.73 2.95 -3.45
C GLY A 129 1.00 1.87 -4.48
N HIS A 130 2.10 2.05 -5.22
CA HIS A 130 2.64 0.99 -6.09
C HIS A 130 2.87 -0.29 -5.32
N LEU A 131 3.56 -0.18 -4.19
CA LEU A 131 3.85 -1.35 -3.36
C LEU A 131 2.56 -2.03 -2.89
N ALA A 132 1.61 -1.21 -2.40
CA ALA A 132 0.33 -1.75 -1.96
C ALA A 132 -0.36 -2.50 -3.09
N ALA A 133 -0.37 -1.90 -4.29
CA ALA A 133 -0.95 -2.55 -5.47
C ALA A 133 -0.25 -3.88 -5.80
N CYS A 134 1.08 -3.92 -5.66
CA CYS A 134 1.85 -5.14 -5.88
C CYS A 134 1.46 -6.25 -4.90
N THR A 135 1.18 -5.89 -3.64
CA THR A 135 0.73 -6.88 -2.69
C THR A 135 -0.65 -7.50 -2.99
N VAL A 136 -1.50 -6.79 -3.74
CA VAL A 136 -2.84 -7.25 -4.12
CA VAL A 136 -2.82 -7.34 -4.07
C VAL A 136 -2.83 -8.09 -5.41
N MET A 137 -1.95 -7.74 -6.33
CA MET A 137 -2.09 -8.29 -7.70
C MET A 137 -0.86 -8.78 -8.45
N VAL A 138 0.34 -8.57 -7.92
CA VAL A 138 1.54 -8.95 -8.64
C VAL A 138 2.06 -10.25 -7.98
N PRO A 139 2.46 -11.25 -8.78
CA PRO A 139 3.02 -12.45 -8.15
C PRO A 139 4.29 -12.16 -7.35
N ASP A 140 4.52 -12.90 -6.26
CA ASP A 140 5.79 -12.80 -5.51
C ASP A 140 6.94 -13.08 -6.46
N LEU A 141 8.01 -12.29 -6.41
CA LEU A 141 9.20 -12.48 -7.24
C LEU A 141 10.32 -13.24 -6.51
N GLU A 142 10.22 -13.33 -5.19
CA GLU A 142 11.23 -14.04 -4.42
C GLU A 142 10.58 -14.67 -3.20
N ALA A 143 11.18 -15.75 -2.71
CA ALA A 143 10.76 -16.40 -1.48
C ALA A 143 11.82 -16.10 -0.43
N PRO A 144 11.65 -15.00 0.33
CA PRO A 144 12.62 -14.80 1.43
C PRO A 144 12.47 -15.81 2.59
N GLU A 145 13.35 -15.65 3.59
CA GLU A 145 13.30 -16.48 4.80
C GLU A 145 12.09 -16.06 5.65
N GLU A 146 10.94 -16.62 5.29
CA GLU A 146 9.66 -16.36 5.97
CA GLU A 146 9.69 -16.41 6.05
C GLU A 146 8.68 -17.50 5.70
N ASP A 147 7.50 -17.45 6.32
CA ASP A 147 6.51 -18.50 6.12
C ASP A 147 5.95 -18.52 4.69
N HIS A 148 6.44 -19.45 3.88
CA HIS A 148 6.08 -19.54 2.45
C HIS A 148 4.63 -20.06 2.28
N THR A 149 4.14 -20.78 3.29
CA THR A 149 2.78 -21.31 3.28
C THR A 149 1.74 -20.20 3.51
N ILE A 150 2.16 -19.10 4.13
CA ILE A 150 1.28 -17.94 4.37
C ILE A 150 1.31 -16.99 3.18
N SER A 151 0.14 -16.64 2.68
CA SER A 151 0.03 -15.75 1.52
C SER A 151 0.47 -14.32 1.85
N SER A 152 1.14 -13.68 0.91
CA SER A 152 1.48 -12.26 0.99
C SER A 152 0.36 -11.34 0.44
N GLN A 153 -0.75 -11.91 -0.04
CA GLN A 153 -1.68 -11.12 -0.80
C GLN A 153 -2.64 -10.37 0.12
N ALA A 154 -2.70 -9.05 0.00
CA ALA A 154 -3.69 -8.29 0.75
C ALA A 154 -5.12 -8.59 0.25
N ASN A 155 -6.08 -8.35 1.13
CA ASN A 155 -7.50 -8.62 0.87
C ASN A 155 -8.25 -7.42 0.28
N ALA A 156 -7.62 -6.25 0.30
CA ALA A 156 -8.11 -5.04 -0.32
C ALA A 156 -7.00 -4.01 -0.38
N ALA A 157 -7.19 -2.97 -1.19
CA ALA A 157 -6.22 -1.88 -1.25
C ALA A 157 -6.88 -0.51 -1.26
N ILE A 158 -6.18 0.46 -0.67
CA ILE A 158 -6.60 1.86 -0.69
C ILE A 158 -5.38 2.63 -1.15
N LEU A 159 -5.44 3.17 -2.35
CA LEU A 159 -4.27 3.76 -2.97
C LEU A 159 -4.39 5.27 -3.13
N PHE A 160 -3.34 5.96 -2.72
CA PHE A 160 -3.24 7.41 -2.83
C PHE A 160 -2.20 7.75 -3.93
N ASN A 161 -2.67 8.41 -4.99
CA ASN A 161 -1.95 8.60 -6.26
C ASN A 161 -0.81 7.60 -6.57
N PRO A 162 -1.17 6.32 -6.75
CA PRO A 162 -0.18 5.27 -6.95
C PRO A 162 0.50 5.33 -8.31
N VAL A 163 1.68 4.73 -8.40
CA VAL A 163 2.29 4.38 -9.69
C VAL A 163 1.80 2.98 -10.02
N LEU A 164 1.09 2.83 -11.15
CA LEU A 164 0.51 1.56 -11.54
C LEU A 164 0.97 0.95 -12.87
N ILE A 165 1.60 1.75 -13.73
CA ILE A 165 2.13 1.28 -15.02
C ILE A 165 3.64 1.52 -15.01
N LEU A 166 4.42 0.44 -15.01
CA LEU A 166 5.90 0.54 -14.99
C LEU A 166 6.58 -0.02 -16.25
N SER A 167 5.80 -0.55 -17.18
CA SER A 167 6.31 -1.03 -18.45
C SER A 167 5.47 -0.38 -19.52
N ARG A 168 6.08 -0.19 -20.68
CA ARG A 168 5.40 0.42 -21.83
C ARG A 168 4.74 -0.61 -22.76
N GLU A 169 4.96 -1.90 -22.50
CA GLU A 169 4.38 -2.96 -23.31
C GLU A 169 2.86 -2.91 -23.34
N GLY A 170 2.28 -3.07 -24.53
CA GLY A 170 0.84 -3.00 -24.71
C GLY A 170 0.21 -1.63 -24.59
N LEU A 171 0.99 -0.55 -24.67
CA LEU A 171 0.46 0.83 -24.56
C LEU A 171 0.35 1.52 -25.93
N ARG A 177 10.36 0.28 -28.05
CA ARG A 177 11.66 0.70 -27.51
CA ARG A 177 11.69 0.66 -27.57
C ARG A 177 12.22 -0.37 -26.58
N GLN A 178 12.83 -1.41 -27.15
CA GLN A 178 13.53 -2.47 -26.42
C GLN A 178 14.60 -1.90 -25.46
N ASP A 179 15.28 -0.83 -25.87
CA ASP A 179 16.30 -0.17 -25.01
C ASP A 179 15.73 0.38 -23.71
N TRP A 180 14.54 0.98 -23.77
CA TRP A 180 13.91 1.52 -22.55
C TRP A 180 13.53 0.43 -21.58
N GLU A 181 13.04 -0.71 -22.09
CA GLU A 181 12.69 -1.85 -21.25
C GLU A 181 13.96 -2.51 -20.65
N GLU A 182 15.05 -2.56 -21.42
CA GLU A 182 16.35 -2.99 -20.91
CA GLU A 182 16.33 -3.02 -20.89
C GLU A 182 16.84 -2.06 -19.80
N ARG A 183 16.71 -0.75 -20.02
CA ARG A 183 17.13 0.24 -19.02
C ARG A 183 16.31 0.13 -17.74
N LEU A 184 15.00 -0.05 -17.91
CA LEU A 184 14.08 -0.22 -16.78
C LEU A 184 14.40 -1.51 -16.02
N ARG A 185 14.79 -2.56 -16.74
CA ARG A 185 15.19 -3.81 -16.10
C ARG A 185 16.33 -3.55 -15.11
N GLU A 186 17.35 -2.80 -15.54
CA GLU A 186 18.49 -2.52 -14.67
CA GLU A 186 18.50 -2.50 -14.67
C GLU A 186 18.08 -1.64 -13.48
N ARG A 187 17.20 -0.67 -13.72
CA ARG A 187 16.76 0.23 -12.66
C ARG A 187 15.87 -0.47 -11.61
N LEU A 188 14.94 -1.29 -12.07
CA LEU A 188 13.95 -1.96 -11.20
C LEU A 188 14.40 -3.25 -10.51
N GLY A 189 15.45 -3.89 -11.04
CA GLY A 189 15.95 -5.15 -10.50
C GLY A 189 15.21 -6.38 -10.99
N THR A 190 14.41 -6.22 -12.04
CA THR A 190 13.67 -7.30 -12.64
C THR A 190 13.05 -6.82 -13.94
N GLU A 191 12.42 -7.74 -14.66
CA GLU A 191 11.65 -7.40 -15.86
CA GLU A 191 11.63 -7.42 -15.85
C GLU A 191 10.55 -6.39 -15.46
N PRO A 192 10.44 -5.25 -16.18
CA PRO A 192 9.49 -4.19 -15.77
C PRO A 192 8.04 -4.64 -15.57
N LYS A 193 7.55 -5.53 -16.43
CA LYS A 193 6.20 -6.07 -16.26
CA LYS A 193 6.20 -6.09 -16.27
C LYS A 193 5.98 -6.79 -14.92
N ALA A 194 7.04 -7.37 -14.35
CA ALA A 194 6.92 -8.15 -13.12
C ALA A 194 6.62 -7.29 -11.89
N VAL A 195 6.87 -5.98 -11.99
CA VAL A 195 6.50 -5.02 -10.93
C VAL A 195 5.56 -3.93 -11.45
N SER A 196 4.76 -4.25 -12.49
CA SER A 196 3.82 -3.31 -13.10
C SER A 196 2.39 -3.77 -12.88
N PRO A 197 1.69 -3.20 -11.86
CA PRO A 197 0.33 -3.70 -11.58
C PRO A 197 -0.61 -3.77 -12.79
N TYR A 198 -0.55 -2.76 -13.64
CA TYR A 198 -1.34 -2.73 -14.87
C TYR A 198 -1.22 -3.99 -15.73
N HIS A 199 0.00 -4.54 -15.79
CA HIS A 199 0.26 -5.75 -16.56
C HIS A 199 -0.19 -7.05 -15.92
N HIS A 200 -0.83 -6.98 -14.74
CA HIS A 200 -1.35 -8.14 -14.05
C HIS A 200 -2.85 -8.04 -13.75
N ILE A 201 -3.53 -7.18 -14.49
CA ILE A 201 -4.97 -7.05 -14.39
C ILE A 201 -5.60 -8.37 -14.89
N ARG A 202 -6.38 -8.99 -14.03
CA ARG A 202 -7.14 -10.21 -14.32
C ARG A 202 -8.41 -10.21 -13.46
N ALA A 203 -9.35 -11.08 -13.80
CA ALA A 203 -10.56 -11.26 -13.00
C ALA A 203 -10.24 -11.88 -11.65
N GLY A 204 -11.09 -11.61 -10.68
CA GLY A 204 -11.03 -12.25 -9.37
C GLY A 204 -10.04 -11.64 -8.39
N LEU A 205 -9.70 -10.37 -8.60
CA LEU A 205 -8.75 -9.67 -7.71
C LEU A 205 -9.47 -9.00 -6.56
N PRO A 206 -8.75 -8.74 -5.46
CA PRO A 206 -9.32 -7.99 -4.35
C PRO A 206 -9.79 -6.58 -4.73
N PRO A 207 -10.77 -6.06 -3.97
CA PRO A 207 -11.32 -4.75 -4.26
C PRO A 207 -10.37 -3.63 -3.85
N MET A 208 -10.53 -2.49 -4.50
CA MET A 208 -9.74 -1.33 -4.15
C MET A 208 -10.41 -0.02 -4.49
N ILE A 209 -9.91 1.03 -3.85
CA ILE A 209 -10.25 2.42 -4.13
C ILE A 209 -8.95 3.19 -4.37
N ILE A 210 -9.00 4.12 -5.33
CA ILE A 210 -7.86 4.91 -5.76
C ILE A 210 -8.27 6.38 -5.73
N PHE A 211 -7.44 7.21 -5.11
CA PHE A 211 -7.60 8.67 -5.12
C PHE A 211 -6.47 9.26 -5.94
N HIS A 212 -6.79 10.07 -6.94
CA HIS A 212 -5.77 10.61 -7.83
C HIS A 212 -6.16 11.99 -8.32
N GLY A 213 -5.22 12.92 -8.28
CA GLY A 213 -5.46 14.28 -8.79
C GLY A 213 -5.44 14.32 -10.31
N THR A 214 -6.33 15.11 -10.91
CA THR A 214 -6.35 15.23 -12.38
C THR A 214 -5.23 16.11 -12.96
N ALA A 215 -4.54 16.86 -12.10
CA ALA A 215 -3.42 17.71 -12.51
C ALA A 215 -2.10 17.19 -11.94
N ASP A 216 -1.98 15.86 -11.84
CA ASP A 216 -0.79 15.22 -11.33
C ASP A 216 0.24 15.20 -12.46
N ASN A 217 1.34 15.90 -12.25
CA ASN A 217 2.46 15.95 -13.20
C ASN A 217 3.55 14.91 -12.95
N THR A 218 3.40 14.09 -11.92
CA THR A 218 4.35 13.01 -11.60
C THR A 218 3.83 11.67 -12.13
N VAL A 219 2.59 11.35 -11.77
CA VAL A 219 1.93 10.18 -12.27
C VAL A 219 0.70 10.65 -13.01
N PRO A 220 0.73 10.57 -14.36
CA PRO A 220 -0.43 11.08 -15.11
C PRO A 220 -1.73 10.37 -14.75
N PHE A 221 -2.77 11.17 -14.50
CA PHE A 221 -4.11 10.66 -14.23
C PHE A 221 -4.57 9.64 -15.26
N GLU A 222 -4.27 9.89 -16.53
CA GLU A 222 -4.62 8.96 -17.61
C GLU A 222 -4.16 7.52 -17.40
N THR A 223 -2.98 7.31 -16.81
CA THR A 223 -2.49 5.95 -16.48
C THR A 223 -3.43 5.24 -15.49
N ILE A 224 -3.89 6.01 -14.52
CA ILE A 224 -4.83 5.51 -13.50
C ILE A 224 -6.24 5.28 -14.06
N ARG A 225 -6.70 6.18 -14.93
CA ARG A 225 -7.96 5.98 -15.63
C ARG A 225 -7.90 4.72 -16.47
N LEU A 226 -6.82 4.51 -17.23
CA LEU A 226 -6.65 3.27 -18.00
C LEU A 226 -6.67 2.01 -17.13
N PHE A 227 -5.93 2.06 -16.03
CA PHE A 227 -5.94 0.98 -15.05
C PHE A 227 -7.35 0.64 -14.55
N ALA A 228 -8.06 1.66 -14.06
CA ALA A 228 -9.36 1.45 -13.45
C ALA A 228 -10.38 0.91 -14.48
N GLU A 229 -10.33 1.46 -15.70
CA GLU A 229 -11.23 1.01 -16.76
CA GLU A 229 -11.20 1.02 -16.81
C GLU A 229 -10.99 -0.47 -17.07
N ALA A 230 -9.71 -0.85 -17.20
CA ALA A 230 -9.38 -2.26 -17.44
C ALA A 230 -9.72 -3.17 -16.26
N MET A 231 -9.53 -2.68 -15.03
CA MET A 231 -9.97 -3.45 -13.85
C MET A 231 -11.48 -3.68 -13.83
N LYS A 232 -12.24 -2.64 -14.15
CA LYS A 232 -13.70 -2.73 -14.24
C LYS A 232 -14.11 -3.72 -15.34
N LYS A 233 -13.46 -3.66 -16.51
CA LYS A 233 -13.76 -4.63 -17.58
CA LYS A 233 -13.70 -4.64 -17.60
C LYS A 233 -13.46 -6.06 -17.15
N ALA A 234 -12.45 -6.27 -16.29
CA ALA A 234 -12.16 -7.61 -15.75
C ALA A 234 -13.10 -8.05 -14.64
N GLY A 235 -14.06 -7.21 -14.29
CA GLY A 235 -15.06 -7.54 -13.28
C GLY A 235 -14.66 -7.22 -11.86
N ASN A 236 -13.59 -6.44 -11.66
CA ASN A 236 -13.13 -6.11 -10.29
C ASN A 236 -13.76 -4.82 -9.77
N ARG A 237 -13.91 -4.73 -8.44
CA ARG A 237 -14.32 -3.50 -7.78
CA ARG A 237 -14.32 -3.49 -7.79
C ARG A 237 -13.10 -2.59 -7.67
N CYS A 238 -13.06 -1.55 -8.49
CA CYS A 238 -11.93 -0.65 -8.53
C CYS A 238 -12.47 0.75 -8.68
N GLU A 239 -12.68 1.41 -7.53
CA GLU A 239 -13.31 2.70 -7.46
C GLU A 239 -12.28 3.79 -7.62
N LEU A 240 -12.42 4.61 -8.66
CA LEU A 240 -11.49 5.69 -8.92
C LEU A 240 -12.13 7.01 -8.56
N VAL A 241 -11.53 7.72 -7.63
CA VAL A 241 -12.01 9.01 -7.18
C VAL A 241 -11.02 10.08 -7.67
N PRO A 242 -11.37 10.78 -8.76
CA PRO A 242 -10.53 11.90 -9.21
C PRO A 242 -10.66 13.11 -8.31
N PHE A 243 -9.56 13.82 -8.13
CA PHE A 243 -9.58 15.08 -7.42
C PHE A 243 -9.25 16.13 -8.46
N GLU A 244 -10.31 16.81 -8.91
CA GLU A 244 -10.17 17.76 -10.03
CA GLU A 244 -10.20 17.79 -9.99
C GLU A 244 -9.16 18.87 -9.71
N GLY A 245 -8.18 19.02 -10.60
CA GLY A 245 -7.15 20.05 -10.50
C GLY A 245 -6.08 19.82 -9.46
N ALA A 246 -6.13 18.67 -8.76
CA ALA A 246 -5.22 18.42 -7.66
C ALA A 246 -3.90 17.86 -8.20
N ALA A 247 -2.85 18.15 -7.45
CA ALA A 247 -1.48 17.78 -7.81
C ALA A 247 -1.05 16.54 -7.02
N HIS A 248 0.07 15.96 -7.41
CA HIS A 248 0.69 14.84 -6.67
C HIS A 248 0.87 15.19 -5.20
N GLY A 249 0.47 14.28 -4.32
CA GLY A 249 0.56 14.49 -2.88
C GLY A 249 -0.55 15.28 -2.21
N PHE A 250 -1.59 15.62 -2.99
CA PHE A 250 -2.77 16.39 -2.53
C PHE A 250 -3.44 15.89 -1.24
N PHE A 251 -3.45 14.57 -1.07
CA PHE A 251 -4.14 13.85 0.02
C PHE A 251 -3.45 13.96 1.37
N ASN A 252 -2.19 14.35 1.40
CA ASN A 252 -1.43 14.32 2.63
C ASN A 252 -1.97 15.21 3.73
N PHE A 253 -1.88 14.73 4.97
CA PHE A 253 -2.11 15.55 6.14
C PHE A 253 -1.21 16.79 6.08
N GLY A 254 -1.76 17.95 6.43
CA GLY A 254 -1.02 19.22 6.41
C GLY A 254 -1.02 20.02 5.10
N ARG A 255 -1.75 19.55 4.08
CA ARG A 255 -1.84 20.19 2.75
CA ARG A 255 -1.83 20.25 2.79
C ARG A 255 -3.24 20.78 2.55
N GLY A 256 -3.33 21.89 1.83
CA GLY A 256 -4.62 22.48 1.43
C GLY A 256 -5.70 22.46 2.49
N ASP A 257 -5.37 22.98 3.68
CA ASP A 257 -6.29 23.06 4.83
C ASP A 257 -6.84 21.70 5.28
N ASN A 258 -6.11 20.62 5.00
CA ASN A 258 -6.56 19.26 5.27
C ASN A 258 -7.88 18.82 4.62
N LEU A 259 -8.33 19.53 3.58
CA LEU A 259 -9.63 19.22 2.98
C LEU A 259 -9.62 17.88 2.23
N ALA A 260 -8.62 17.70 1.39
CA ALA A 260 -8.47 16.45 0.63
C ALA A 260 -8.09 15.30 1.55
N TYR A 261 -7.22 15.58 2.54
CA TYR A 261 -6.97 14.63 3.62
C TYR A 261 -8.25 14.07 4.24
N GLN A 262 -9.14 14.96 4.69
CA GLN A 262 -10.38 14.54 5.33
CA GLN A 262 -10.41 14.57 5.32
C GLN A 262 -11.30 13.81 4.35
N LYS A 263 -11.36 14.30 3.13
CA LYS A 263 -12.22 13.68 2.12
C LYS A 263 -11.78 12.26 1.75
N THR A 264 -10.47 12.06 1.55
CA THR A 264 -9.98 10.71 1.24
C THR A 264 -10.27 9.75 2.39
N LEU A 265 -10.17 10.21 3.64
CA LEU A 265 -10.47 9.36 4.77
C LEU A 265 -11.94 9.00 4.80
N GLU A 266 -12.80 9.99 4.56
CA GLU A 266 -14.26 9.76 4.53
CA GLU A 266 -14.24 9.77 4.54
C GLU A 266 -14.60 8.72 3.48
N LEU A 267 -14.07 8.90 2.29
CA LEU A 267 -14.33 7.98 1.18
C LEU A 267 -13.69 6.60 1.36
N ALA A 268 -12.50 6.56 1.94
CA ALA A 268 -11.83 5.30 2.26
C ALA A 268 -12.63 4.52 3.30
N ASP A 269 -13.09 5.25 4.31
CA ASP A 269 -13.91 4.68 5.38
C ASP A 269 -15.16 4.05 4.78
N GLU A 270 -15.87 4.81 3.96
CA GLU A 270 -17.07 4.26 3.34
C GLU A 270 -16.78 3.05 2.45
N PHE A 271 -15.67 3.08 1.72
CA PHE A 271 -15.23 1.90 0.95
C PHE A 271 -15.05 0.64 1.84
N LEU A 272 -14.41 0.81 2.99
CA LEU A 272 -14.20 -0.30 3.93
C LEU A 272 -15.51 -0.80 4.53
N VAL A 273 -16.47 0.10 4.72
CA VAL A 273 -17.83 -0.31 5.12
C VAL A 273 -18.48 -1.13 4.00
N GLU A 274 -18.42 -0.61 2.78
CA GLU A 274 -18.98 -1.24 1.58
C GLU A 274 -18.49 -2.66 1.41
N ILE A 275 -17.18 -2.90 1.60
CA ILE A 275 -16.66 -4.25 1.45
C ILE A 275 -16.73 -5.10 2.72
N GLY A 276 -17.32 -4.58 3.80
CA GLY A 276 -17.55 -5.34 5.01
C GLY A 276 -16.33 -5.50 5.89
N PHE A 277 -15.37 -4.59 5.77
CA PHE A 277 -14.18 -4.57 6.65
C PHE A 277 -14.35 -3.68 7.87
N LEU A 278 -15.27 -2.72 7.81
CA LEU A 278 -15.55 -1.81 8.91
C LEU A 278 -17.04 -1.85 9.18
N ALA A 279 -17.41 -1.73 10.44
CA ALA A 279 -18.79 -1.52 10.82
C ALA A 279 -19.18 -0.08 10.46
N PRO A 280 -20.44 0.13 10.02
CA PRO A 280 -20.90 1.51 9.82
C PRO A 280 -20.66 2.39 11.04
N LYS A 281 -20.41 3.68 10.82
CA LYS A 281 -20.31 4.64 11.92
C LYS A 281 -21.66 4.71 12.64
N GLY A 282 -21.62 4.73 13.98
CA GLY A 282 -22.84 4.70 14.78
C GLY A 282 -23.56 3.36 14.68
O1 PG4 B . 3.83 -16.84 -7.53
C1 PG4 B . 3.53 -16.64 -6.14
C2 PG4 B . 2.40 -15.62 -6.04
O2 PG4 B . 2.52 -14.83 -4.86
C3 PG4 B . 1.46 -13.96 -4.40
C4 PG4 B . 0.42 -13.59 -5.45
O3 PG4 B . -0.32 -12.40 -5.20
C5 PG4 B . -1.02 -11.90 -6.36
C6 PG4 B . -2.08 -12.91 -6.76
O4 PG4 B . -2.95 -12.50 -7.81
C7 PG4 B . -3.98 -13.48 -8.06
C8 PG4 B . -5.11 -13.34 -7.05
O5 PG4 B . -6.24 -14.15 -7.38
O1 PG4 C . -0.70 -19.55 0.32
C1 PG4 C . -1.87 -19.38 -0.50
C2 PG4 C . -3.11 -19.06 0.34
O2 PG4 C . -4.23 -18.66 -0.45
C3 PG4 C . -4.18 -17.38 -1.09
C4 PG4 C . -5.26 -16.43 -0.54
O3 PG4 C . -4.63 -15.38 0.20
C5 PG4 C . -5.50 -14.48 0.89
C6 PG4 C . -5.83 -13.30 -0.01
O4 PG4 C . -7.19 -13.38 -0.41
C7 PG4 C . -7.53 -12.36 -1.36
C8 PG4 C . -9.03 -12.10 -1.35
O5 PG4 C . -9.45 -11.50 -0.12
C1 PPI D . 6.79 9.67 -5.01
C1 PPI D . 6.91 9.64 -5.07
C2 PPI D . 7.10 10.86 -4.12
C2 PPI D . 7.55 10.78 -4.30
C3 PPI D . 5.96 11.13 -3.16
C3 PPI D . 8.97 11.03 -4.77
O1 PPI D . 6.82 8.49 -4.53
O2 PPI D . 6.52 9.91 -6.21
O2 PPI D . 6.48 9.89 -6.23
C1 PEG E . 6.90 7.57 -12.02
O1 PEG E . 7.11 6.38 -12.79
C2 PEG E . 7.97 7.66 -10.94
O2 PEG E . 7.41 8.14 -9.72
C3 PEG E . 8.26 7.96 -8.59
C4 PEG E . 9.35 9.02 -8.55
O4 PEG E . 8.74 10.31 -8.39
C1 PEG F . 11.63 3.79 -11.96
O1 PEG F . 10.49 4.46 -12.53
C2 PEG F . 12.24 4.64 -10.86
O2 PEG F . 13.21 3.88 -10.13
C3 PEG F . 14.26 4.63 -9.51
C4 PEG F . 14.18 4.44 -8.00
O4 PEG F . 14.99 3.32 -7.60
C1 PEG G . 12.88 -10.50 14.46
O1 PEG G . 11.84 -10.39 15.43
C2 PEG G . 12.51 -11.50 13.36
O2 PEG G . 11.93 -10.81 12.24
C3 PEG G . 10.64 -11.25 11.81
C4 PEG G . 10.76 -12.12 10.57
O4 PEG G . 9.61 -12.96 10.40
C1 PEG H . -14.92 -5.82 14.56
O1 PEG H . -14.99 -7.14 14.03
C2 PEG H . -14.02 -5.81 15.79
O2 PEG H . -14.77 -6.17 16.95
C3 PEG H . -14.06 -5.98 18.17
C4 PEG H . -14.79 -6.67 19.32
O4 PEG H . -14.46 -8.07 19.36
C1 EDO I . 5.48 3.66 -18.42
O1 EDO I . 6.88 3.49 -18.12
C2 EDO I . 4.98 5.00 -17.93
O2 EDO I . 3.72 5.31 -18.54
C1 EDO J . 23.53 3.03 0.28
O1 EDO J . 23.45 4.46 0.29
C2 EDO J . 24.15 2.52 1.58
O2 EDO J . 23.76 1.16 1.77
C1 EDO K . 2.40 14.09 6.46
O1 EDO K . 3.26 14.59 5.43
C2 EDO K . 2.94 14.36 7.86
O2 EDO K . 2.13 13.70 8.83
C1 EDO L . -15.60 -6.43 10.37
O1 EDO L . -14.42 -6.36 11.19
C2 EDO L . -16.67 -5.45 10.80
O2 EDO L . -17.84 -5.68 10.01
C1 EDO M . -0.76 19.37 -3.60
O1 EDO M . -1.65 20.36 -3.07
C2 EDO M . 0.11 18.88 -2.47
O2 EDO M . 1.08 17.98 -2.99
CL CL N . 1.89 17.12 -9.59
#